data_2WQM
#
_entry.id   2WQM
#
_cell.length_a   46.937
_cell.length_b   132.322
_cell.length_c   133.366
_cell.angle_alpha   90.00
_cell.angle_beta   90.00
_cell.angle_gamma   90.00
#
_symmetry.space_group_name_H-M   'I 2 2 2'
#
loop_
_entity.id
_entity.type
_entity.pdbx_description
1 polymer 'SERINE/THREONINE-PROTEIN KINASE NEK7'
2 non-polymer 'SULFATE ION'
3 non-polymer 'NICKEL (II) ION'
4 water water
#
_entity_poly.entity_id   1
_entity_poly.type   'polypeptide(L)'
_entity_poly.pdbx_seq_one_letter_code
;MDEQSQGMQGPPVPQFQPQKALRPDMGYNTLANFRIEKKIGRGQFSEVYRAACLLDGVPVALKKVQIFDLMDAKARADCI
KEIDLLKQLNHPNVIKYYASFIEDNELNIVLELADAGDLSRMIKHFKKQKRLIPERTVWKYFVQLCSALEHMHSRRVMHR
DIKPANVFITATGVVKLGDLGLGRFFSSKTTAAHSLVGTPYYMSPERIHENGYNFKSDIWSLGCLLYEMAALQSPFYGDK
MNLYSLCKKIEQCDYPPLPSDHYSEELRQLVNMCINPDPEKRPDVTYVYDVAKRMHACTASSLEHHHHHH
;
_entity_poly.pdbx_strand_id   A
#
loop_
_chem_comp.id
_chem_comp.type
_chem_comp.name
_chem_comp.formula
NI non-polymer 'NICKEL (II) ION' 'Ni 2'
SO4 non-polymer 'SULFATE ION' 'O4 S -2'
#
# COMPACT_ATOMS: atom_id res chain seq x y z
N LYS A 20 16.67 19.92 20.27
CA LYS A 20 16.45 21.21 20.90
C LYS A 20 15.30 21.17 21.90
N ALA A 21 14.84 22.33 22.35
CA ALA A 21 13.80 22.43 23.36
C ALA A 21 12.37 22.34 22.78
N LEU A 22 11.49 21.71 23.56
CA LEU A 22 10.06 21.55 23.26
C LEU A 22 9.45 22.86 22.76
N ARG A 23 8.64 22.77 21.71
CA ARG A 23 7.87 23.91 21.19
C ARG A 23 6.39 23.51 21.07
N PRO A 24 5.65 23.63 22.17
CA PRO A 24 4.30 23.03 22.28
C PRO A 24 3.30 23.58 21.26
N ASP A 25 3.42 24.85 20.91
CA ASP A 25 2.52 25.43 19.91
C ASP A 25 2.65 24.69 18.58
N MET A 26 3.81 24.07 18.34
CA MET A 26 4.12 23.50 17.03
C MET A 26 3.59 22.08 16.75
N GLY A 27 2.93 21.45 17.73
CA GLY A 27 2.34 20.14 17.49
C GLY A 27 3.36 19.14 16.96
N TYR A 28 3.00 18.42 15.90
CA TYR A 28 3.87 17.41 15.29
C TYR A 28 4.75 18.01 14.21
N ASN A 29 4.79 19.33 14.12
CA ASN A 29 5.48 19.99 13.00
C ASN A 29 6.89 20.49 13.21
N THR A 30 7.56 19.94 14.21
CA THR A 30 8.93 20.33 14.45
C THR A 30 9.63 19.17 15.14
N LEU A 31 10.90 18.98 14.82
CA LEU A 31 11.68 17.87 15.35
C LEU A 31 11.81 17.96 16.86
N ALA A 32 11.82 19.17 17.38
CA ALA A 32 11.99 19.40 18.81
C ALA A 32 10.88 18.74 19.65
N ASN A 33 9.73 18.45 19.05
CA ASN A 33 8.65 17.83 19.80
C ASN A 33 8.68 16.29 19.75
N PHE A 34 9.76 15.73 19.20
CA PHE A 34 9.94 14.27 19.13
C PHE A 34 11.24 13.81 19.77
N ARG A 35 11.20 12.64 20.38
CA ARG A 35 12.43 11.97 20.83
C ARG A 35 12.67 10.75 19.94
N ILE A 36 13.76 10.78 19.17
CA ILE A 36 14.13 9.65 18.32
C ILE A 36 14.55 8.50 19.21
N GLU A 37 13.98 7.32 18.98
CA GLU A 37 14.30 6.15 19.79
C GLU A 37 15.24 5.20 19.05
N LYS A 38 15.02 5.03 17.74
CA LYS A 38 15.81 4.06 17.00
C LYS A 38 15.72 4.25 15.50
N LYS A 39 16.80 3.93 14.79
CA LYS A 39 16.74 3.86 13.33
C LYS A 39 16.19 2.48 12.93
N ILE A 40 15.08 2.48 12.20
CA ILE A 40 14.38 1.23 11.88
C ILE A 40 14.37 0.92 10.38
N GLY A 41 14.97 1.79 9.59
CA GLY A 41 14.96 1.64 8.15
C GLY A 41 15.87 2.67 7.52
N ARG A 42 16.32 2.40 6.30
CA ARG A 42 17.26 3.28 5.61
C ARG A 42 17.27 3.01 4.11
N GLY A 43 18.02 3.83 3.36
CA GLY A 43 18.09 3.69 1.92
C GLY A 43 17.41 4.81 1.17
N SER A 46 15.97 7.97 1.69
CA SER A 46 15.40 8.35 2.98
C SER A 46 15.81 7.40 4.10
N GLU A 47 15.90 7.93 5.32
CA GLU A 47 16.13 7.12 6.51
C GLU A 47 14.94 7.19 7.45
N VAL A 48 14.61 6.08 8.11
CA VAL A 48 13.41 6.02 8.95
C VAL A 48 13.67 5.69 10.41
N TYR A 49 13.13 6.52 11.30
CA TYR A 49 13.33 6.33 12.73
C TYR A 49 12.03 6.10 13.46
N ARG A 50 12.09 5.30 14.52
CA ARG A 50 11.00 5.23 15.46
C ARG A 50 11.21 6.36 16.44
N ALA A 51 10.15 7.11 16.71
CA ALA A 51 10.24 8.24 17.62
C ALA A 51 8.96 8.35 18.43
N ALA A 52 8.99 9.19 19.46
CA ALA A 52 7.79 9.44 20.25
C ALA A 52 7.53 10.91 20.22
N CYS A 53 6.27 11.29 20.02
CA CYS A 53 5.86 12.68 20.21
C CYS A 53 5.83 13.01 21.70
N LEU A 54 6.62 13.98 22.10
CA LEU A 54 6.79 14.27 23.52
C LEU A 54 5.57 14.97 24.14
N LEU A 55 4.74 15.58 23.29
CA LEU A 55 3.55 16.27 23.79
C LEU A 55 2.51 15.30 24.31
N ASP A 56 2.41 14.14 23.69
CA ASP A 56 1.31 13.22 23.99
C ASP A 56 1.73 11.75 24.13
N GLY A 57 3.01 11.46 23.90
CA GLY A 57 3.55 10.11 24.06
C GLY A 57 3.21 9.16 22.92
N VAL A 58 2.61 9.69 21.85
CA VAL A 58 2.25 8.88 20.69
C VAL A 58 3.50 8.44 19.91
N PRO A 59 3.61 7.15 19.60
CA PRO A 59 4.74 6.64 18.80
C PRO A 59 4.59 6.93 17.30
N VAL A 60 5.67 7.27 16.60
CA VAL A 60 5.59 7.60 15.20
C VAL A 60 6.76 7.05 14.43
N ALA A 61 6.59 6.91 13.11
CA ALA A 61 7.72 6.72 12.23
C ALA A 61 8.12 8.08 11.68
N LEU A 62 9.40 8.42 11.82
CA LEU A 62 9.91 9.68 11.34
C LEU A 62 10.83 9.39 10.16
N LYS A 63 10.41 9.82 8.98
CA LYS A 63 11.17 9.59 7.74
C LYS A 63 11.90 10.87 7.34
N LYS A 64 13.21 10.76 7.11
CA LYS A 64 14.00 11.91 6.68
C LYS A 64 14.49 11.80 5.23
N VAL A 65 14.02 12.70 4.39
CA VAL A 65 14.32 12.67 2.96
C VAL A 65 15.22 13.82 2.53
N GLN A 66 16.33 13.49 1.87
CA GLN A 66 17.25 14.51 1.38
C GLN A 66 16.78 15.08 0.04
N ILE A 67 15.76 15.94 0.10
CA ILE A 67 15.15 16.47 -1.11
C ILE A 67 16.00 17.55 -1.77
N PHE A 68 17.07 17.98 -1.09
CA PHE A 68 17.95 18.98 -1.67
C PHE A 68 19.23 18.37 -2.21
N ASP A 69 19.40 17.07 -2.01
CA ASP A 69 20.59 16.37 -2.48
C ASP A 69 20.26 15.33 -3.54
N LEU A 70 18.99 15.29 -3.96
CA LEU A 70 18.55 14.27 -4.90
C LEU A 70 17.32 14.69 -5.69
N MET A 71 16.86 15.92 -5.47
CA MET A 71 15.60 16.35 -6.05
C MET A 71 15.70 17.69 -6.77
N ASP A 72 15.07 17.78 -7.93
CA ASP A 72 15.03 19.01 -8.73
C ASP A 72 13.96 19.94 -8.19
N ALA A 73 14.09 21.23 -8.50
CA ALA A 73 13.13 22.22 -8.00
C ALA A 73 11.69 21.78 -8.27
N LYS A 74 11.46 21.21 -9.44
CA LYS A 74 10.11 20.79 -9.85
C LYS A 74 9.64 19.54 -9.12
N ALA A 75 10.47 18.51 -9.12
CA ALA A 75 10.15 17.28 -8.39
C ALA A 75 9.86 17.57 -6.91
N ARG A 76 10.56 18.55 -6.36
CA ARG A 76 10.38 18.96 -4.96
C ARG A 76 8.98 19.50 -4.70
N ALA A 77 8.49 20.35 -5.59
CA ALA A 77 7.14 20.90 -5.46
C ALA A 77 6.08 19.82 -5.65
N ASP A 78 6.32 18.88 -6.56
CA ASP A 78 5.38 17.80 -6.83
C ASP A 78 5.27 16.88 -5.63
N CYS A 79 6.42 16.45 -5.13
CA CYS A 79 6.51 15.62 -3.94
C CYS A 79 5.81 16.29 -2.75
N ILE A 80 6.04 17.58 -2.57
CA ILE A 80 5.42 18.32 -1.47
C ILE A 80 3.91 18.49 -1.62
N LYS A 81 3.47 18.86 -2.82
CA LYS A 81 2.05 18.98 -3.10
C LYS A 81 1.37 17.62 -2.86
N GLU A 82 2.06 16.55 -3.23
CA GLU A 82 1.50 15.21 -3.04
C GLU A 82 1.38 14.90 -1.54
N ILE A 83 2.42 15.19 -0.75
CA ILE A 83 2.37 14.93 0.69
C ILE A 83 1.24 15.74 1.33
N ASP A 84 1.04 16.97 0.87
CA ASP A 84 -0.05 17.79 1.38
C ASP A 84 -1.41 17.14 1.12
N LEU A 85 -1.60 16.56 -0.04
CA LEU A 85 -2.84 15.83 -0.30
C LEU A 85 -2.95 14.63 0.63
N LEU A 86 -1.84 13.91 0.82
CA LEU A 86 -1.83 12.73 1.71
C LEU A 86 -2.20 13.07 3.15
N LYS A 87 -1.79 14.23 3.63
CA LYS A 87 -2.06 14.60 5.03
C LYS A 87 -3.53 14.82 5.32
N GLN A 88 -4.32 15.03 4.28
CA GLN A 88 -5.75 15.24 4.45
C GLN A 88 -6.50 13.92 4.65
N LEU A 89 -5.85 12.81 4.32
CA LEU A 89 -6.47 11.49 4.46
C LEU A 89 -6.71 11.14 5.91
N ASN A 90 -7.75 10.37 6.18
CA ASN A 90 -8.10 10.01 7.54
C ASN A 90 -8.98 8.77 7.57
N HIS A 91 -8.34 7.62 7.77
CA HIS A 91 -9.02 6.35 7.72
C HIS A 91 -8.23 5.32 8.55
N PRO A 92 -8.94 4.47 9.27
CA PRO A 92 -8.35 3.42 10.13
C PRO A 92 -7.44 2.46 9.35
N ASN A 93 -7.64 2.29 8.04
CA ASN A 93 -6.87 1.30 7.29
C ASN A 93 -5.81 1.92 6.37
N VAL A 94 -5.56 3.20 6.55
CA VAL A 94 -4.55 3.92 5.80
C VAL A 94 -3.56 4.53 6.80
N ILE A 95 -2.26 4.33 6.57
CA ILE A 95 -1.26 4.95 7.46
C ILE A 95 -1.44 6.47 7.53
N LYS A 96 -1.58 7.01 8.73
CA LYS A 96 -1.85 8.43 8.92
C LYS A 96 -0.58 9.24 8.66
N TYR A 97 -0.71 10.33 7.91
CA TYR A 97 0.41 11.23 7.73
C TYR A 97 0.20 12.37 8.71
N TYR A 98 0.89 12.35 9.84
CA TYR A 98 0.65 13.36 10.88
C TYR A 98 1.14 14.73 10.47
N ALA A 99 2.29 14.78 9.82
CA ALA A 99 2.86 16.06 9.47
C ALA A 99 3.98 15.89 8.46
N SER A 100 4.34 16.99 7.83
CA SER A 100 5.56 17.04 7.02
C SER A 100 6.06 18.46 7.05
N PHE A 101 7.37 18.61 7.10
CA PHE A 101 7.97 19.94 7.22
C PHE A 101 9.44 19.89 6.82
N ILE A 102 9.95 21.02 6.35
CA ILE A 102 11.37 21.14 6.05
C ILE A 102 12.08 21.60 7.31
N GLU A 103 13.17 20.91 7.67
CA GLU A 103 14.01 21.30 8.80
C GLU A 103 15.38 20.68 8.65
N ASP A 104 16.43 21.46 8.90
CA ASP A 104 17.81 20.98 8.74
C ASP A 104 18.05 20.61 7.29
N ASN A 105 17.44 21.36 6.39
CA ASN A 105 17.60 21.18 4.95
C ASN A 105 17.08 19.84 4.46
N GLU A 106 16.12 19.27 5.19
CA GLU A 106 15.57 17.96 4.86
C GLU A 106 14.05 17.97 4.97
N LEU A 107 13.41 17.11 4.19
CA LEU A 107 11.97 16.90 4.32
C LEU A 107 11.77 15.89 5.44
N ASN A 108 10.95 16.24 6.42
CA ASN A 108 10.61 15.32 7.52
C ASN A 108 9.13 14.95 7.42
N ILE A 109 8.86 13.67 7.24
CA ILE A 109 7.47 13.18 7.19
C ILE A 109 7.20 12.38 8.47
N VAL A 110 6.13 12.72 9.18
CA VAL A 110 5.80 12.04 10.42
C VAL A 110 4.60 11.14 10.18
N LEU A 111 4.79 9.84 10.38
CA LEU A 111 3.79 8.84 10.01
C LEU A 111 3.38 8.00 11.21
N GLU A 112 2.13 7.53 11.16
CA GLU A 112 1.66 6.50 12.07
C GLU A 112 2.64 5.32 12.00
N LEU A 113 3.02 4.80 13.17
CA LEU A 113 3.99 3.71 13.22
C LEU A 113 3.29 2.37 13.03
N ALA A 114 3.73 1.59 12.05
CA ALA A 114 3.19 0.24 11.83
C ALA A 114 4.39 -0.68 11.90
N ASP A 115 4.50 -1.37 13.02
N ASP A 115 4.54 -1.33 13.04
CA ASP A 115 5.76 -1.96 13.45
CA ASP A 115 5.80 -1.96 13.44
C ASP A 115 5.73 -3.48 13.50
C ASP A 115 5.74 -3.48 13.48
N ALA A 116 4.53 -4.04 13.56
CA ALA A 116 4.35 -5.45 13.87
C ALA A 116 4.48 -6.44 12.70
N GLY A 117 4.48 -5.96 11.47
CA GLY A 117 4.52 -6.87 10.33
C GLY A 117 3.69 -6.40 9.15
N ASP A 118 3.66 -7.20 8.09
CA ASP A 118 3.03 -6.85 6.83
C ASP A 118 2.57 -8.10 6.08
N LEU A 119 1.91 -7.88 4.95
CA LEU A 119 1.32 -8.95 4.17
C LEU A 119 2.40 -9.83 3.54
N SER A 120 3.52 -9.22 3.17
CA SER A 120 4.67 -9.94 2.65
C SER A 120 5.18 -11.02 3.62
N ARG A 121 5.28 -10.65 4.90
CA ARG A 121 5.64 -11.56 6.00
C ARG A 121 4.57 -12.62 6.24
N MET A 122 3.30 -12.23 6.14
CA MET A 122 2.20 -13.17 6.36
C MET A 122 2.28 -14.28 5.32
N ILE A 123 2.47 -13.87 4.07
CA ILE A 123 2.57 -14.80 2.97
C ILE A 123 3.76 -15.75 3.19
N LYS A 124 4.88 -15.21 3.65
CA LYS A 124 6.02 -16.07 4.00
C LYS A 124 5.69 -17.09 5.08
N HIS A 125 4.96 -16.70 6.12
CA HIS A 125 4.55 -17.69 7.13
C HIS A 125 3.84 -18.85 6.45
N PHE A 126 2.89 -18.56 5.57
CA PHE A 126 2.12 -19.62 4.94
C PHE A 126 2.98 -20.52 4.05
N LYS A 127 3.91 -19.90 3.33
CA LYS A 127 4.86 -20.61 2.49
C LYS A 127 5.70 -21.57 3.33
N LYS A 128 6.09 -21.13 4.52
CA LYS A 128 6.95 -21.93 5.41
C LYS A 128 6.19 -23.08 6.07
N GLN A 129 4.91 -22.83 6.37
CA GLN A 129 4.06 -23.86 6.97
C GLN A 129 3.50 -24.74 5.84
N LYS A 130 3.98 -24.46 4.63
CA LYS A 130 3.57 -25.12 3.39
C LYS A 130 2.05 -25.32 3.27
N ARG A 131 1.31 -24.24 3.47
CA ARG A 131 -0.13 -24.27 3.31
C ARG A 131 -0.66 -22.98 2.67
N LEU A 132 -1.87 -23.03 2.13
CA LEU A 132 -2.46 -21.88 1.47
C LEU A 132 -3.24 -21.07 2.48
N ILE A 133 -3.47 -19.79 2.17
CA ILE A 133 -4.31 -18.96 3.03
C ILE A 133 -5.77 -19.28 2.78
N PRO A 134 -6.51 -19.63 3.84
CA PRO A 134 -7.91 -20.00 3.58
C PRO A 134 -8.68 -18.80 3.01
N GLU A 135 -9.67 -19.09 2.17
CA GLU A 135 -10.41 -18.02 1.53
C GLU A 135 -10.97 -16.99 2.53
N ARG A 136 -11.56 -17.45 3.63
CA ARG A 136 -12.15 -16.52 4.58
C ARG A 136 -11.10 -15.59 5.17
N THR A 137 -9.88 -16.08 5.32
CA THR A 137 -8.78 -15.28 5.84
C THR A 137 -8.33 -14.26 4.81
N VAL A 138 -8.29 -14.68 3.55
CA VAL A 138 -7.99 -13.75 2.47
C VAL A 138 -8.96 -12.56 2.49
N TRP A 139 -10.27 -12.82 2.57
CA TRP A 139 -11.26 -11.72 2.58
C TRP A 139 -11.16 -10.85 3.84
N LYS A 140 -10.80 -11.49 4.96
CA LYS A 140 -10.69 -10.78 6.23
C LYS A 140 -9.72 -9.61 6.11
N TYR A 141 -8.59 -9.84 5.46
CA TYR A 141 -7.62 -8.76 5.25
C TYR A 141 -7.89 -7.95 3.99
N PHE A 142 -8.29 -8.62 2.91
CA PHE A 142 -8.48 -7.92 1.65
C PHE A 142 -9.59 -6.86 1.75
N VAL A 143 -10.65 -7.13 2.50
CA VAL A 143 -11.75 -6.17 2.57
C VAL A 143 -11.31 -4.86 3.25
N GLN A 144 -10.40 -4.98 4.21
CA GLN A 144 -9.82 -3.83 4.93
C GLN A 144 -8.95 -3.04 3.98
N LEU A 145 -8.18 -3.74 3.15
CA LEU A 145 -7.37 -3.07 2.13
C LEU A 145 -8.26 -2.31 1.15
N CYS A 146 -9.41 -2.90 0.79
CA CYS A 146 -10.35 -2.25 -0.11
C CYS A 146 -10.96 -1.01 0.55
N SER A 147 -11.18 -1.08 1.85
CA SER A 147 -11.71 0.06 2.59
C SER A 147 -10.74 1.23 2.51
N ALA A 148 -9.46 0.93 2.75
CA ALA A 148 -8.40 1.93 2.65
C ALA A 148 -8.38 2.58 1.28
N LEU A 149 -8.34 1.73 0.24
CA LEU A 149 -8.20 2.23 -1.12
C LEU A 149 -9.44 3.00 -1.57
N GLU A 150 -10.63 2.62 -1.11
CA GLU A 150 -11.82 3.37 -1.46
C GLU A 150 -11.84 4.74 -0.81
N HIS A 151 -11.33 4.82 0.42
CA HIS A 151 -11.15 6.09 1.06
C HIS A 151 -10.26 6.96 0.18
N MET A 152 -9.09 6.43 -0.19
CA MET A 152 -8.17 7.20 -1.01
C MET A 152 -8.79 7.68 -2.31
N HIS A 153 -9.41 6.77 -3.06
CA HIS A 153 -10.03 7.15 -4.34
C HIS A 153 -11.18 8.14 -4.17
N SER A 154 -11.95 7.99 -3.09
CA SER A 154 -13.01 8.96 -2.80
C SER A 154 -12.43 10.35 -2.56
N ARG A 155 -11.20 10.39 -2.06
CA ARG A 155 -10.50 11.67 -1.82
C ARG A 155 -9.70 12.08 -3.05
N ARG A 156 -9.87 11.34 -4.14
CA ARG A 156 -9.13 11.58 -5.38
C ARG A 156 -7.62 11.54 -5.21
N VAL A 157 -7.14 10.61 -4.38
CA VAL A 157 -5.70 10.38 -4.22
C VAL A 157 -5.34 8.95 -4.70
N MET A 158 -4.36 8.85 -5.61
CA MET A 158 -3.87 7.54 -6.06
C MET A 158 -2.79 7.04 -5.12
N HIS A 159 -2.78 5.73 -4.84
CA HIS A 159 -1.75 5.19 -3.96
C HIS A 159 -0.39 5.03 -4.63
N ARG A 160 -0.37 4.37 -5.79
CA ARG A 160 0.83 4.30 -6.63
C ARG A 160 1.84 3.22 -6.25
N ASP A 161 1.71 2.62 -5.07
CA ASP A 161 2.69 1.61 -4.67
C ASP A 161 2.05 0.49 -3.85
N ILE A 162 0.99 -0.10 -4.40
CA ILE A 162 0.32 -1.19 -3.69
C ILE A 162 1.16 -2.46 -3.89
N LYS A 163 1.60 -3.05 -2.78
CA LYS A 163 2.32 -4.32 -2.82
C LYS A 163 2.26 -4.92 -1.43
N PRO A 164 2.50 -6.24 -1.32
CA PRO A 164 2.35 -6.85 0.01
C PRO A 164 3.23 -6.21 1.08
N ALA A 165 4.49 -5.89 0.78
CA ALA A 165 5.37 -5.32 1.80
C ALA A 165 4.91 -3.92 2.24
N ASN A 166 4.05 -3.31 1.43
CA ASN A 166 3.52 -2.00 1.78
C ASN A 166 2.12 -2.05 2.35
N VAL A 167 1.64 -3.27 2.65
CA VAL A 167 0.39 -3.43 3.37
C VAL A 167 0.74 -3.92 4.76
N PHE A 168 0.83 -3.00 5.70
CA PHE A 168 1.17 -3.36 7.07
C PHE A 168 -0.03 -3.97 7.75
N ILE A 169 0.28 -4.76 8.77
CA ILE A 169 -0.72 -5.42 9.58
C ILE A 169 -0.24 -5.16 10.99
N THR A 170 -1.08 -4.54 11.82
CA THR A 170 -0.71 -4.27 13.19
C THR A 170 -0.71 -5.58 13.96
N ALA A 171 -0.43 -5.52 15.25
CA ALA A 171 -0.43 -6.73 16.06
C ALA A 171 -1.83 -7.30 16.21
N THR A 172 -2.86 -6.46 16.08
CA THR A 172 -4.23 -6.94 16.26
C THR A 172 -4.91 -7.32 14.94
N GLY A 173 -4.10 -7.52 13.90
CA GLY A 173 -4.63 -7.91 12.60
C GLY A 173 -5.33 -6.81 11.84
N VAL A 174 -5.13 -5.55 12.23
CA VAL A 174 -5.67 -4.41 11.46
C VAL A 174 -4.74 -4.07 10.31
N VAL A 175 -5.32 -3.97 9.11
CA VAL A 175 -4.58 -3.60 7.93
C VAL A 175 -4.30 -2.08 7.90
N LYS A 176 -3.07 -1.71 7.59
CA LYS A 176 -2.71 -0.31 7.41
C LYS A 176 -2.00 -0.18 6.08
N LEU A 177 -2.68 0.37 5.09
CA LEU A 177 -2.08 0.61 3.77
C LEU A 177 -1.00 1.69 3.90
N GLY A 178 0.20 1.34 3.46
CA GLY A 178 1.39 2.07 3.84
C GLY A 178 1.67 3.30 3.04
N ASP A 179 2.76 3.98 3.39
CA ASP A 179 3.08 5.29 2.81
C ASP A 179 3.59 5.15 1.39
N LEU A 180 3.43 6.22 0.63
CA LEU A 180 3.60 6.17 -0.81
C LEU A 180 5.00 6.63 -1.23
N THR A 199 12.10 -0.13 -9.78
CA THR A 199 11.60 -1.45 -10.15
C THR A 199 10.37 -1.84 -9.33
N PRO A 200 9.23 -1.19 -9.60
CA PRO A 200 7.98 -1.36 -8.85
C PRO A 200 7.57 -2.84 -8.73
N TYR A 201 7.03 -3.21 -7.58
CA TYR A 201 6.72 -4.62 -7.32
C TYR A 201 5.71 -5.18 -8.35
N TYR A 202 4.60 -4.46 -8.54
CA TYR A 202 3.60 -4.83 -9.56
C TYR A 202 3.61 -3.80 -10.69
N MET A 203 4.02 -4.23 -11.88
CA MET A 203 4.09 -3.34 -13.03
C MET A 203 2.86 -3.47 -13.92
N SER A 204 1.95 -2.49 -13.88
CA SER A 204 0.81 -2.50 -14.80
C SER A 204 1.27 -2.23 -16.22
N PRO A 205 0.49 -2.70 -17.22
CA PRO A 205 0.84 -2.53 -18.62
C PRO A 205 1.03 -1.06 -18.99
N GLU A 206 0.15 -0.21 -18.49
CA GLU A 206 0.26 1.21 -18.81
C GLU A 206 1.53 1.83 -18.25
N ARG A 207 1.98 1.34 -17.09
CA ARG A 207 3.24 1.79 -16.51
C ARG A 207 4.46 1.23 -17.24
N ILE A 208 4.42 -0.06 -17.60
CA ILE A 208 5.46 -0.66 -18.43
C ILE A 208 5.78 0.19 -19.65
N HIS A 209 4.74 0.72 -20.30
CA HIS A 209 4.90 1.51 -21.51
C HIS A 209 4.87 3.01 -21.22
N GLU A 210 5.02 3.36 -19.96
CA GLU A 210 5.17 4.76 -19.55
C GLU A 210 3.98 5.64 -19.86
N ASN A 211 2.78 5.08 -19.85
CA ASN A 211 1.58 5.91 -19.87
C ASN A 211 1.37 6.40 -18.45
N GLY A 212 0.38 7.26 -18.26
CA GLY A 212 0.13 7.82 -16.94
C GLY A 212 -0.37 6.83 -15.92
N TYR A 213 0.09 6.97 -14.68
CA TYR A 213 -0.46 6.17 -13.60
C TYR A 213 -1.80 6.82 -13.28
N ASN A 214 -2.86 6.02 -13.15
CA ASN A 214 -4.16 6.58 -12.83
C ASN A 214 -4.90 5.68 -11.84
N PHE A 215 -6.18 5.96 -11.58
CA PHE A 215 -6.86 5.20 -10.53
C PHE A 215 -6.96 3.72 -10.88
N LYS A 216 -7.06 3.43 -12.17
CA LYS A 216 -7.18 2.04 -12.63
C LYS A 216 -5.89 1.26 -12.46
N SER A 217 -4.76 1.96 -12.43
CA SER A 217 -3.48 1.31 -12.16
C SER A 217 -3.46 0.79 -10.71
N ASP A 218 -4.02 1.54 -9.78
CA ASP A 218 -4.18 1.03 -8.41
C ASP A 218 -4.99 -0.28 -8.41
N ILE A 219 -6.04 -0.33 -9.23
CA ILE A 219 -6.88 -1.52 -9.29
C ILE A 219 -6.10 -2.73 -9.79
N TRP A 220 -5.22 -2.51 -10.77
CA TRP A 220 -4.35 -3.57 -11.27
C TRP A 220 -3.49 -4.16 -10.14
N SER A 221 -2.81 -3.30 -9.37
CA SER A 221 -2.00 -3.79 -8.24
C SER A 221 -2.86 -4.52 -7.22
N LEU A 222 -4.04 -3.98 -6.94
CA LEU A 222 -4.96 -4.59 -5.97
C LEU A 222 -5.37 -6.02 -6.40
N GLY A 223 -5.54 -6.21 -7.71
CA GLY A 223 -5.88 -7.51 -8.25
C GLY A 223 -4.71 -8.48 -8.14
N CYS A 224 -3.51 -7.99 -8.40
CA CYS A 224 -2.30 -8.78 -8.31
C CYS A 224 -2.10 -9.22 -6.86
N LEU A 225 -2.36 -8.31 -5.94
CA LEU A 225 -2.27 -8.61 -4.52
C LEU A 225 -3.27 -9.68 -4.06
N LEU A 226 -4.50 -9.60 -4.53
CA LEU A 226 -5.51 -10.61 -4.22
C LEU A 226 -5.03 -11.98 -4.71
N TYR A 227 -4.58 -12.03 -5.95
CA TYR A 227 -4.02 -13.24 -6.50
C TYR A 227 -2.89 -13.77 -5.62
N GLU A 228 -2.01 -12.86 -5.19
CA GLU A 228 -0.84 -13.26 -4.44
C GLU A 228 -1.18 -13.84 -3.08
N MET A 229 -2.17 -13.27 -2.41
CA MET A 229 -2.67 -13.87 -1.17
C MET A 229 -3.15 -15.30 -1.39
N ALA A 230 -3.76 -15.55 -2.54
CA ALA A 230 -4.34 -16.86 -2.81
C ALA A 230 -3.31 -17.86 -3.35
N ALA A 231 -2.28 -17.37 -4.04
CA ALA A 231 -1.31 -18.25 -4.66
C ALA A 231 0.07 -18.23 -4.00
N LEU A 232 0.30 -17.26 -3.12
CA LEU A 232 1.60 -17.05 -2.45
C LEU A 232 2.73 -16.70 -3.44
N GLN A 233 2.33 -16.15 -4.58
CA GLN A 233 3.24 -15.77 -5.64
C GLN A 233 2.52 -14.72 -6.48
N SER A 234 3.27 -13.77 -7.01
CA SER A 234 2.70 -12.80 -7.93
C SER A 234 2.19 -13.53 -9.17
N PRO A 235 1.16 -12.99 -9.84
CA PRO A 235 0.63 -13.64 -11.04
C PRO A 235 1.66 -13.78 -12.15
N PHE A 236 2.53 -12.78 -12.30
CA PHE A 236 3.49 -12.80 -13.42
C PHE A 236 4.93 -13.00 -12.95
N TYR A 237 5.12 -13.66 -11.81
CA TYR A 237 6.45 -14.00 -11.33
C TYR A 237 7.23 -14.78 -12.39
N MET A 241 12.91 -11.93 -14.63
CA MET A 241 12.24 -11.61 -15.89
C MET A 241 12.61 -10.22 -16.41
N ASN A 242 12.01 -9.84 -17.53
CA ASN A 242 12.21 -8.52 -18.12
C ASN A 242 10.89 -7.95 -18.64
N LEU A 243 10.87 -6.65 -18.92
CA LEU A 243 9.64 -5.96 -19.27
C LEU A 243 8.98 -6.47 -20.56
N TYR A 244 9.78 -6.92 -21.52
CA TYR A 244 9.23 -7.43 -22.77
C TYR A 244 8.47 -8.74 -22.56
N SER A 245 9.08 -9.69 -21.87
CA SER A 245 8.40 -10.96 -21.60
C SER A 245 7.23 -10.75 -20.63
N LEU A 246 7.39 -9.79 -19.72
CA LEU A 246 6.29 -9.41 -18.83
C LEU A 246 5.11 -8.90 -19.66
N CYS A 247 5.37 -7.98 -20.58
CA CYS A 247 4.33 -7.43 -21.45
C CYS A 247 3.58 -8.53 -22.21
N LYS A 248 4.33 -9.49 -22.74
CA LYS A 248 3.77 -10.62 -23.48
C LYS A 248 2.78 -11.41 -22.64
N LYS A 249 3.21 -11.77 -21.42
CA LYS A 249 2.39 -12.55 -20.50
C LYS A 249 1.12 -11.82 -20.12
N ILE A 250 1.21 -10.51 -19.99
CA ILE A 250 0.07 -9.72 -19.52
C ILE A 250 -0.99 -9.67 -20.61
N GLU A 251 -0.54 -9.48 -21.84
CA GLU A 251 -1.45 -9.35 -22.97
C GLU A 251 -2.06 -10.71 -23.32
N GLN A 252 -1.55 -11.77 -22.71
CA GLN A 252 -2.07 -13.11 -22.96
C GLN A 252 -2.54 -13.83 -21.71
N CYS A 253 -2.85 -13.06 -20.66
CA CYS A 253 -3.19 -13.65 -19.36
C CYS A 253 -2.40 -14.92 -19.10
N ASP A 254 -1.09 -14.88 -19.33
CA ASP A 254 -0.24 -16.02 -19.02
C ASP A 254 0.16 -16.06 -17.54
N TYR A 255 -0.84 -16.30 -16.68
CA TYR A 255 -0.59 -16.58 -15.27
C TYR A 255 -1.36 -17.83 -14.87
N PRO A 256 -0.81 -18.61 -13.91
CA PRO A 256 -1.49 -19.86 -13.53
C PRO A 256 -2.81 -19.60 -12.81
N PRO A 257 -3.88 -20.32 -13.20
CA PRO A 257 -5.17 -20.16 -12.55
C PRO A 257 -5.10 -20.49 -11.07
N LEU A 258 -5.92 -19.84 -10.24
CA LEU A 258 -6.06 -20.22 -8.85
C LEU A 258 -6.90 -21.51 -8.75
N PRO A 259 -6.64 -22.35 -7.74
CA PRO A 259 -7.37 -23.63 -7.61
C PRO A 259 -8.83 -23.42 -7.22
N SER A 260 -9.76 -23.96 -8.00
CA SER A 260 -11.19 -23.75 -7.78
C SER A 260 -11.73 -24.47 -6.54
N ASP A 261 -11.03 -25.51 -6.10
CA ASP A 261 -11.40 -26.19 -4.87
C ASP A 261 -11.05 -25.39 -3.60
N HIS A 262 -10.15 -24.42 -3.73
CA HIS A 262 -9.84 -23.59 -2.56
C HIS A 262 -10.42 -22.18 -2.65
N TYR A 263 -10.51 -21.65 -3.87
CA TYR A 263 -10.97 -20.27 -4.06
C TYR A 263 -12.22 -20.19 -4.95
N SER A 264 -13.24 -19.52 -4.45
CA SER A 264 -14.53 -19.36 -5.12
C SER A 264 -14.45 -18.68 -6.48
N GLU A 265 -15.49 -18.88 -7.29
CA GLU A 265 -15.63 -18.17 -8.57
C GLU A 265 -15.58 -16.66 -8.32
N GLU A 266 -16.24 -16.22 -7.26
CA GLU A 266 -16.25 -14.81 -6.88
CA GLU A 266 -16.26 -14.81 -6.91
C GLU A 266 -14.83 -14.26 -6.74
N LEU A 267 -14.02 -14.91 -5.92
CA LEU A 267 -12.66 -14.46 -5.69
C LEU A 267 -11.87 -14.52 -6.99
N ARG A 268 -11.95 -15.65 -7.69
CA ARG A 268 -11.23 -15.80 -8.96
C ARG A 268 -11.66 -14.81 -10.06
N GLN A 269 -12.95 -14.51 -10.17
CA GLN A 269 -13.41 -13.53 -11.17
C GLN A 269 -12.97 -12.12 -10.78
N LEU A 270 -13.00 -11.81 -9.48
CA LEU A 270 -12.58 -10.50 -9.01
C LEU A 270 -11.11 -10.26 -9.37
N VAL A 271 -10.27 -11.27 -9.15
CA VAL A 271 -8.88 -11.20 -9.62
C VAL A 271 -8.81 -10.96 -11.12
N ASN A 272 -9.52 -11.79 -11.88
N ASN A 272 -9.52 -11.78 -11.89
CA ASN A 272 -9.49 -11.72 -13.34
CA ASN A 272 -9.44 -11.68 -13.34
C ASN A 272 -9.84 -10.35 -13.93
C ASN A 272 -9.79 -10.30 -13.90
N MET A 273 -10.85 -9.69 -13.38
CA MET A 273 -11.27 -8.38 -13.87
C MET A 273 -10.30 -7.27 -13.46
N CYS A 274 -9.74 -7.35 -12.26
CA CYS A 274 -8.81 -6.34 -11.78
C CYS A 274 -7.51 -6.34 -12.58
N ILE A 275 -7.08 -7.49 -13.07
CA ILE A 275 -5.85 -7.54 -13.86
C ILE A 275 -6.07 -7.67 -15.37
N ASN A 276 -7.22 -7.20 -15.84
CA ASN A 276 -7.42 -7.03 -17.27
C ASN A 276 -6.40 -6.02 -17.79
N PRO A 277 -5.70 -6.36 -18.89
CA PRO A 277 -4.72 -5.48 -19.54
C PRO A 277 -5.30 -4.10 -19.82
N ASP A 278 -6.56 -4.05 -20.24
CA ASP A 278 -7.25 -2.81 -20.59
C ASP A 278 -7.83 -2.11 -19.35
N PRO A 279 -7.29 -0.94 -18.99
CA PRO A 279 -7.76 -0.25 -17.79
C PRO A 279 -9.26 0.04 -17.80
N GLU A 280 -9.84 0.25 -18.97
CA GLU A 280 -11.27 0.49 -19.08
C GLU A 280 -12.09 -0.74 -18.72
N LYS A 281 -11.49 -1.93 -18.81
CA LYS A 281 -12.17 -3.17 -18.46
C LYS A 281 -12.13 -3.48 -16.97
N ARG A 282 -11.20 -2.86 -16.25
CA ARG A 282 -11.11 -3.08 -14.81
C ARG A 282 -12.23 -2.32 -14.10
N PRO A 283 -12.75 -2.86 -13.00
CA PRO A 283 -13.79 -2.20 -12.19
C PRO A 283 -13.21 -1.03 -11.36
N ASP A 284 -14.07 -0.12 -10.90
N ASP A 284 -14.08 -0.13 -10.90
CA ASP A 284 -13.66 0.93 -9.98
CA ASP A 284 -13.64 0.92 -9.98
C ASP A 284 -13.50 0.31 -8.59
C ASP A 284 -13.47 0.29 -8.60
N VAL A 285 -12.83 1.01 -7.67
CA VAL A 285 -12.58 0.45 -6.34
C VAL A 285 -13.89 0.21 -5.59
N THR A 286 -14.89 1.03 -5.88
CA THR A 286 -16.17 0.89 -5.20
C THR A 286 -16.82 -0.47 -5.45
N TYR A 287 -16.73 -0.97 -6.69
CA TYR A 287 -17.25 -2.28 -7.02
C TYR A 287 -16.40 -3.39 -6.35
N VAL A 288 -15.09 -3.23 -6.36
CA VAL A 288 -14.21 -4.24 -5.72
C VAL A 288 -14.52 -4.30 -4.23
N TYR A 289 -14.59 -3.15 -3.60
CA TYR A 289 -14.94 -3.06 -2.18
C TYR A 289 -16.27 -3.74 -1.86
N ASP A 290 -17.29 -3.50 -2.67
CA ASP A 290 -18.62 -4.10 -2.42
C ASP A 290 -18.54 -5.61 -2.47
N VAL A 291 -17.81 -6.15 -3.43
CA VAL A 291 -17.62 -7.60 -3.50
C VAL A 291 -16.89 -8.11 -2.26
N ALA A 292 -15.85 -7.39 -1.85
CA ALA A 292 -15.06 -7.81 -0.69
C ALA A 292 -15.93 -7.89 0.56
N LYS A 293 -16.76 -6.87 0.77
CA LYS A 293 -17.68 -6.82 1.90
C LYS A 293 -18.72 -7.94 1.91
N ARG A 294 -19.30 -8.24 0.75
CA ARG A 294 -20.24 -9.35 0.64
C ARG A 294 -19.54 -10.68 0.95
N MET A 295 -18.37 -10.89 0.37
CA MET A 295 -17.69 -12.17 0.54
C MET A 295 -17.17 -12.32 1.96
N HIS A 296 -16.73 -11.21 2.55
CA HIS A 296 -16.27 -11.24 3.94
C HIS A 296 -17.41 -11.62 4.87
N ALA A 297 -18.59 -11.09 4.59
CA ALA A 297 -19.75 -11.28 5.46
C ALA A 297 -20.22 -12.74 5.47
N CYS A 298 -20.14 -13.42 4.34
CA CYS A 298 -20.66 -14.78 4.24
C CYS A 298 -19.61 -15.89 4.37
N THR A 299 -18.32 -15.52 4.36
CA THR A 299 -17.28 -16.51 4.63
C THR A 299 -16.94 -16.53 6.12
N ALA A 300 -17.51 -15.59 6.85
CA ALA A 300 -17.30 -15.50 8.29
C ALA A 300 -18.59 -15.79 9.05
S SO4 B . -10.22 -16.12 10.05
O1 SO4 B . -10.03 -15.36 11.29
O2 SO4 B . -10.23 -17.56 10.36
O3 SO4 B . -11.49 -15.75 9.43
O4 SO4 B . -9.11 -15.85 9.13
NI NI C . 4.67 -3.96 -24.71
#